data_2VQY
#
_entry.id   2VQY
#
_cell.length_a   57.331
_cell.length_b   57.331
_cell.length_c   147.620
_cell.angle_alpha   90.00
_cell.angle_beta   90.00
_cell.angle_gamma   90.00
#
_symmetry.space_group_name_H-M   'P 43 21 2'
#
loop_
_entity.id
_entity.type
_entity.pdbx_description
1 polymer "AAC(6')-IB"
2 non-polymer 'ACETYL COENZYME *A'
3 non-polymer PAROMOMYCIN
4 non-polymer 'CALCIUM ION'
5 water water
#
_entity_poly.entity_id   1
_entity_poly.type   'polypeptide(L)'
_entity_poly.pdbx_seq_one_letter_code
;GSHMSNAKTKLGITKYSIVTNSNDSVTLRLMTEHDLAMLYEWLNRSHIVEWWGGEEARPTLADVQEQYLPSVLAQESVTP
YIAMLNGEPIGYAQSYVALGSGDGWWEEETDPGVRGIDQLLANASQLGKGLGTKLVRALVELLFNDPEVTKIQTDPSPSN
LRAIRCYEKAGFERQGTVTTPDGPAVYMVQTRQAFERTRSDA
;
_entity_poly.pdbx_strand_id   A
#
# COMPACT_ATOMS: atom_id res chain seq x y z
N ASP A 24 8.98 -15.88 8.48
CA ASP A 24 9.97 -15.02 9.20
C ASP A 24 9.60 -13.54 9.04
N SER A 25 10.62 -12.69 8.88
CA SER A 25 10.42 -11.26 8.80
C SER A 25 10.10 -10.80 7.38
N VAL A 26 9.10 -9.91 7.23
CA VAL A 26 8.84 -9.27 5.94
C VAL A 26 9.54 -7.92 5.87
N THR A 27 10.32 -7.73 4.81
CA THR A 27 11.03 -6.49 4.61
C THR A 27 10.62 -5.88 3.26
N LEU A 28 11.01 -4.63 3.06
CA LEU A 28 10.71 -3.92 1.84
C LEU A 28 11.98 -3.45 1.20
N ARG A 29 12.05 -3.55 -0.13
CA ARG A 29 13.10 -2.91 -0.93
C ARG A 29 12.42 -2.08 -2.02
N LEU A 30 13.10 -1.04 -2.50
CA LEU A 30 12.57 -0.33 -3.67
C LEU A 30 12.40 -1.29 -4.81
N MET A 31 11.30 -1.13 -5.54
CA MET A 31 11.14 -1.84 -6.80
C MET A 31 12.00 -1.13 -7.86
N THR A 32 12.53 -1.94 -8.79
CA THR A 32 13.30 -1.45 -9.93
C THR A 32 12.63 -1.81 -11.26
N GLU A 33 13.15 -1.26 -12.34
CA GLU A 33 12.66 -1.63 -13.66
C GLU A 33 12.81 -3.15 -13.94
N HIS A 34 13.78 -3.78 -13.29
CA HIS A 34 14.00 -5.22 -13.40
C HIS A 34 12.86 -6.08 -12.84
N ASP A 35 11.99 -5.45 -12.02
CA ASP A 35 10.86 -6.14 -11.39
C ASP A 35 9.56 -6.08 -12.19
N LEU A 36 9.55 -5.35 -13.29
CA LEU A 36 8.29 -5.04 -13.97
C LEU A 36 7.66 -6.28 -14.62
N ALA A 37 8.50 -7.17 -15.18
CA ALA A 37 7.96 -8.40 -15.77
C ALA A 37 7.27 -9.28 -14.72
N MET A 38 7.91 -9.40 -13.56
CA MET A 38 7.36 -10.14 -12.40
C MET A 38 6.07 -9.48 -11.91
N LEU A 39 6.07 -8.15 -11.82
CA LEU A 39 4.85 -7.42 -11.40
C LEU A 39 3.68 -7.62 -12.38
N TYR A 40 4.00 -7.59 -13.67
CA TYR A 40 3.03 -7.89 -14.71
C TYR A 40 2.39 -9.27 -14.50
N GLU A 41 3.23 -10.30 -14.30
CA GLU A 41 2.73 -11.63 -13.97
C GLU A 41 1.76 -11.59 -12.76
N TRP A 42 2.21 -10.95 -11.69
CA TRP A 42 1.39 -10.84 -10.45
C TRP A 42 0.04 -10.19 -10.69
N LEU A 43 0.04 -9.05 -11.38
CA LEU A 43 -1.16 -8.22 -11.62
C LEU A 43 -2.22 -8.93 -12.48
N ASN A 44 -1.82 -10.04 -13.09
CA ASN A 44 -2.72 -10.88 -13.84
C ASN A 44 -3.11 -12.19 -13.14
N ARG A 45 -2.75 -12.32 -11.88
CA ARG A 45 -3.21 -13.48 -11.11
C ARG A 45 -4.62 -13.20 -10.61
N SER A 46 -5.45 -14.23 -10.62
CA SER A 46 -6.88 -13.99 -10.40
C SER A 46 -7.20 -13.38 -9.01
N HIS A 47 -6.48 -13.80 -7.95
CA HIS A 47 -6.70 -13.26 -6.59
C HIS A 47 -6.34 -11.77 -6.47
N ILE A 48 -5.53 -11.30 -7.40
CA ILE A 48 -5.12 -9.91 -7.47
C ILE A 48 -6.09 -9.12 -8.35
N VAL A 49 -6.38 -9.64 -9.53
CA VAL A 49 -7.33 -9.00 -10.45
C VAL A 49 -8.68 -8.62 -9.79
N GLU A 50 -9.15 -9.48 -8.90
CA GLU A 50 -10.40 -9.26 -8.16
C GLU A 50 -10.40 -7.88 -7.47
N TRP A 51 -9.26 -7.48 -6.90
CA TRP A 51 -9.20 -6.29 -6.05
C TRP A 51 -8.37 -5.12 -6.59
N TRP A 52 -7.61 -5.37 -7.65
CA TRP A 52 -6.62 -4.41 -8.10
C TRP A 52 -6.80 -4.20 -9.57
N GLY A 53 -6.98 -2.95 -9.96
CA GLY A 53 -6.99 -2.62 -11.35
C GLY A 53 -8.33 -2.07 -11.73
N GLY A 54 -9.36 -2.72 -11.19
CA GLY A 54 -10.74 -2.60 -11.68
C GLY A 54 -11.17 -3.97 -12.16
N ALA A 57 -5.90 -2.96 -15.23
CA ALA A 57 -7.03 -3.85 -14.98
C ALA A 57 -6.90 -5.03 -15.96
N ARG A 58 -6.32 -6.12 -15.47
CA ARG A 58 -5.60 -7.05 -16.36
C ARG A 58 -4.74 -6.22 -17.34
N PRO A 59 -3.68 -5.60 -16.80
CA PRO A 59 -2.78 -4.81 -17.62
C PRO A 59 -1.93 -5.70 -18.53
N THR A 60 -1.62 -5.19 -19.72
CA THR A 60 -0.65 -5.86 -20.60
C THR A 60 0.74 -5.59 -20.06
N LEU A 61 1.74 -6.26 -20.62
CA LEU A 61 3.11 -6.04 -20.18
C LEU A 61 3.49 -4.57 -20.43
N ALA A 62 3.12 -4.03 -21.60
CA ALA A 62 3.42 -2.63 -21.95
C ALA A 62 2.74 -1.66 -20.94
N ASP A 63 1.49 -1.96 -20.57
CA ASP A 63 0.75 -1.22 -19.50
C ASP A 63 1.57 -1.14 -18.22
N VAL A 64 2.02 -2.31 -17.74
CA VAL A 64 2.78 -2.36 -16.49
C VAL A 64 4.12 -1.65 -16.68
N GLN A 65 4.77 -1.86 -17.82
CA GLN A 65 6.05 -1.20 -18.09
C GLN A 65 5.94 0.32 -18.11
N GLU A 66 4.86 0.83 -18.70
CA GLU A 66 4.63 2.26 -18.86
C GLU A 66 4.15 2.95 -17.58
N GLN A 67 3.39 2.23 -16.78
CA GLN A 67 2.70 2.81 -15.62
C GLN A 67 3.43 2.61 -14.29
N TYR A 68 4.18 1.52 -14.15
CA TYR A 68 4.81 1.19 -12.86
C TYR A 68 6.32 1.42 -12.86
N LEU A 69 6.84 1.87 -14.00
CA LEU A 69 8.23 2.29 -14.01
C LEU A 69 8.43 3.24 -12.86
N PRO A 70 9.43 2.99 -11.99
CA PRO A 70 9.58 3.88 -10.82
C PRO A 70 9.65 5.37 -11.18
N SER A 71 10.33 5.73 -12.27
CA SER A 71 10.37 7.15 -12.66
C SER A 71 9.02 7.74 -13.06
N VAL A 72 8.15 6.92 -13.65
CA VAL A 72 6.80 7.37 -14.04
C VAL A 72 5.92 7.50 -12.78
N LEU A 73 6.00 6.51 -11.90
CA LEU A 73 5.23 6.54 -10.66
C LEU A 73 5.59 7.80 -9.85
N ALA A 74 6.85 8.22 -9.96
CA ALA A 74 7.37 9.38 -9.22
C ALA A 74 6.60 10.63 -9.60
N GLN A 75 6.11 10.69 -10.84
CA GLN A 75 5.32 11.84 -11.32
C GLN A 75 4.00 12.02 -10.58
N GLU A 76 3.46 10.96 -9.98
CA GLU A 76 2.27 11.09 -9.14
C GLU A 76 2.61 10.91 -7.66
N SER A 77 3.89 11.14 -7.30
CA SER A 77 4.36 11.02 -5.91
C SER A 77 4.13 9.61 -5.34
N VAL A 78 4.29 8.60 -6.18
CA VAL A 78 4.18 7.21 -5.75
C VAL A 78 5.56 6.54 -5.75
N THR A 79 5.86 5.85 -4.67
CA THR A 79 7.05 5.00 -4.53
C THR A 79 6.68 3.52 -4.48
N PRO A 80 7.17 2.73 -5.45
CA PRO A 80 6.90 1.28 -5.43
C PRO A 80 7.95 0.46 -4.67
N TYR A 81 7.48 -0.59 -3.99
CA TYR A 81 8.33 -1.49 -3.21
C TYR A 81 8.06 -2.96 -3.58
N ILE A 82 9.06 -3.80 -3.40
CA ILE A 82 8.84 -5.24 -3.41
C ILE A 82 9.00 -5.73 -1.97
N ALA A 83 8.01 -6.49 -1.53
CA ALA A 83 8.01 -7.11 -0.22
C ALA A 83 8.73 -8.43 -0.33
N MET A 84 9.63 -8.66 0.62
CA MET A 84 10.53 -9.81 0.65
C MET A 84 10.35 -10.65 1.93
N LEU A 85 10.43 -11.96 1.77
CA LEU A 85 10.33 -12.91 2.86
C LEU A 85 11.29 -14.05 2.58
N ASN A 86 12.23 -14.29 3.50
CA ASN A 86 13.21 -15.36 3.33
C ASN A 86 13.88 -15.34 1.95
N GLY A 87 14.33 -14.15 1.55
CA GLY A 87 14.97 -13.91 0.26
C GLY A 87 14.14 -14.07 -1.01
N GLU A 88 12.81 -14.20 -0.87
CA GLU A 88 11.89 -14.32 -2.00
C GLU A 88 10.97 -13.11 -2.07
N PRO A 89 10.70 -12.60 -3.30
CA PRO A 89 9.70 -11.54 -3.47
C PRO A 89 8.32 -12.15 -3.25
N ILE A 90 7.56 -11.57 -2.32
CA ILE A 90 6.22 -12.10 -1.99
C ILE A 90 5.06 -11.11 -2.20
N GLY A 91 5.37 -9.89 -2.61
CA GLY A 91 4.29 -8.93 -2.83
C GLY A 91 4.79 -7.59 -3.33
N TYR A 92 3.83 -6.73 -3.63
CA TYR A 92 4.11 -5.39 -4.12
C TYR A 92 3.43 -4.43 -3.18
N ALA A 93 4.10 -3.32 -2.89
CA ALA A 93 3.44 -2.26 -2.12
C ALA A 93 3.82 -0.93 -2.73
N GLN A 94 3.06 0.10 -2.39
CA GLN A 94 3.44 1.45 -2.80
C GLN A 94 3.01 2.43 -1.72
N SER A 95 3.82 3.49 -1.56
CA SER A 95 3.39 4.60 -0.72
C SER A 95 3.28 5.83 -1.60
N TYR A 96 2.49 6.79 -1.16
CA TYR A 96 2.31 8.02 -1.93
C TYR A 96 2.10 9.23 -1.03
N VAL A 97 2.51 10.39 -1.55
CA VAL A 97 2.22 11.65 -0.86
C VAL A 97 0.79 12.06 -1.27
N ALA A 98 -0.14 12.06 -0.32
CA ALA A 98 -1.55 12.27 -0.65
C ALA A 98 -1.79 13.66 -1.33
N LEU A 99 -1.15 14.70 -0.80
CA LEU A 99 -1.23 16.04 -1.38
C LEU A 99 -0.71 16.12 -2.84
N GLY A 100 0.18 15.18 -3.21
CA GLY A 100 0.81 15.04 -4.57
C GLY A 100 0.13 14.10 -5.58
N SER A 101 -1.07 13.62 -5.24
CA SER A 101 -1.75 12.59 -6.02
C SER A 101 -2.40 13.19 -7.27
N GLY A 102 -2.73 12.33 -8.23
CA GLY A 102 -3.38 12.79 -9.49
C GLY A 102 -4.70 13.56 -9.31
N ASP A 103 -5.17 14.22 -10.37
CA ASP A 103 -6.43 14.94 -10.36
C ASP A 103 -7.58 14.05 -9.80
N GLY A 104 -8.32 14.59 -8.84
CA GLY A 104 -9.47 13.85 -8.28
C GLY A 104 -9.16 13.16 -6.98
N TRP A 105 -7.87 12.94 -6.73
CA TRP A 105 -7.40 12.19 -5.57
C TRP A 105 -7.04 13.11 -4.40
N TRP A 106 -7.62 12.83 -3.22
CA TRP A 106 -7.28 13.50 -1.95
C TRP A 106 -7.35 15.03 -2.05
N GLU A 107 -8.38 15.52 -2.72
CA GLU A 107 -8.46 16.97 -3.01
C GLU A 107 -8.67 17.85 -1.77
N GLU A 108 -9.20 17.28 -0.68
CA GLU A 108 -9.34 18.02 0.60
C GLU A 108 -8.06 18.02 1.44
N GLU A 109 -7.06 17.24 1.03
CA GLU A 109 -5.86 17.14 1.86
C GLU A 109 -5.12 18.47 1.90
N THR A 110 -4.58 18.81 3.07
CA THR A 110 -3.75 20.01 3.21
C THR A 110 -2.36 19.71 3.85
N ASP A 111 -2.21 18.53 4.45
CA ASP A 111 -1.00 18.20 5.20
C ASP A 111 -0.02 17.44 4.28
N PRO A 112 1.13 18.05 3.94
CA PRO A 112 2.06 17.36 3.04
C PRO A 112 2.73 16.14 3.69
N GLY A 113 2.50 15.95 4.99
CA GLY A 113 3.04 14.84 5.78
C GLY A 113 2.24 13.55 5.66
N VAL A 114 1.06 13.62 5.03
CA VAL A 114 0.20 12.45 4.96
C VAL A 114 0.70 11.53 3.83
N ARG A 115 0.87 10.26 4.17
CA ARG A 115 1.24 9.23 3.20
C ARG A 115 0.12 8.21 3.11
N GLY A 116 -0.19 7.76 1.89
CA GLY A 116 -1.11 6.63 1.74
C GLY A 116 -0.36 5.37 1.30
N ILE A 117 -0.97 4.21 1.48
CA ILE A 117 -0.36 2.95 1.04
C ILE A 117 -1.36 2.05 0.29
N ASP A 118 -0.83 1.24 -0.62
CA ASP A 118 -1.60 0.17 -1.30
C ASP A 118 -0.68 -1.02 -1.36
N GLN A 119 -1.23 -2.23 -1.31
CA GLN A 119 -0.35 -3.41 -1.36
C GLN A 119 -1.08 -4.67 -1.78
N LEU A 120 -0.28 -5.67 -2.16
CA LEU A 120 -0.83 -6.95 -2.60
C LEU A 120 0.18 -8.05 -2.28
N LEU A 121 -0.34 -9.24 -2.03
CA LEU A 121 0.49 -10.43 -1.87
C LEU A 121 0.42 -11.24 -3.17
N ALA A 122 1.60 -11.60 -3.67
CA ALA A 122 1.78 -12.25 -4.97
C ALA A 122 1.14 -13.64 -5.10
N ASN A 123 1.17 -14.41 -4.01
CA ASN A 123 0.84 -15.85 -4.01
C ASN A 123 -0.49 -16.15 -3.32
N ALA A 124 -1.40 -16.73 -4.09
CA ALA A 124 -2.74 -17.13 -3.60
C ALA A 124 -2.63 -17.97 -2.34
N SER A 125 -1.66 -18.89 -2.34
CA SER A 125 -1.43 -19.82 -1.22
C SER A 125 -0.98 -19.14 0.08
N GLN A 126 -0.54 -17.89 0.00
CA GLN A 126 -0.05 -17.17 1.17
C GLN A 126 -1.02 -16.14 1.73
N LEU A 127 -2.25 -16.10 1.21
CA LEU A 127 -3.28 -15.19 1.69
C LEU A 127 -3.86 -15.67 3.01
N GLY A 128 -4.34 -14.74 3.84
CA GLY A 128 -5.10 -15.07 5.05
C GLY A 128 -4.32 -15.72 6.18
N LYS A 129 -2.99 -15.57 6.14
CA LYS A 129 -2.11 -16.20 7.13
C LYS A 129 -1.27 -15.16 7.89
N GLY A 130 -1.72 -13.90 7.89
CA GLY A 130 -1.03 -12.86 8.66
C GLY A 130 0.16 -12.20 7.96
N LEU A 131 0.47 -12.64 6.76
CA LEU A 131 1.61 -12.08 6.00
C LEU A 131 1.37 -10.64 5.56
N GLY A 132 0.14 -10.34 5.14
CA GLY A 132 -0.24 -8.98 4.74
C GLY A 132 -0.16 -8.00 5.90
N THR A 133 -0.60 -8.45 7.08
CA THR A 133 -0.47 -7.64 8.31
C THR A 133 1.01 -7.33 8.58
N LYS A 134 1.88 -8.33 8.48
CA LYS A 134 3.33 -8.09 8.63
C LYS A 134 3.87 -7.08 7.60
N LEU A 135 3.45 -7.23 6.34
CA LEU A 135 3.85 -6.31 5.29
CA LEU A 135 3.84 -6.30 5.28
C LEU A 135 3.42 -4.87 5.62
N VAL A 136 2.15 -4.69 5.99
CA VAL A 136 1.62 -3.36 6.30
C VAL A 136 2.39 -2.77 7.49
N ARG A 137 2.59 -3.57 8.54
CA ARG A 137 3.36 -3.11 9.70
CA ARG A 137 3.35 -3.08 9.69
C ARG A 137 4.76 -2.63 9.29
N ALA A 138 5.41 -3.38 8.39
CA ALA A 138 6.74 -3.02 7.90
C ALA A 138 6.71 -1.69 7.14
N LEU A 139 5.70 -1.54 6.28
CA LEU A 139 5.55 -0.32 5.50
C LEU A 139 5.25 0.89 6.39
N VAL A 140 4.40 0.71 7.40
CA VAL A 140 4.05 1.79 8.33
C VAL A 140 5.32 2.24 9.09
N GLU A 141 6.10 1.28 9.56
CA GLU A 141 7.35 1.57 10.27
C GLU A 141 8.33 2.33 9.37
N LEU A 142 8.51 1.83 8.13
CA LEU A 142 9.33 2.51 7.14
CA LEU A 142 9.33 2.51 7.15
C LEU A 142 8.91 3.97 7.01
N LEU A 143 7.62 4.19 6.79
CA LEU A 143 7.12 5.53 6.55
C LEU A 143 7.31 6.49 7.75
N PHE A 144 7.02 6.03 8.96
CA PHE A 144 7.28 6.87 10.15
C PHE A 144 8.78 7.15 10.44
N ASN A 145 9.66 6.33 9.88
CA ASN A 145 11.10 6.63 9.89
C ASN A 145 11.49 7.81 9.01
N ASP A 146 10.56 8.34 8.24
CA ASP A 146 10.71 9.65 7.66
C ASP A 146 10.06 10.64 8.63
N PRO A 147 10.88 11.49 9.30
CA PRO A 147 10.28 12.35 10.34
C PRO A 147 9.28 13.39 9.81
N GLU A 148 9.25 13.64 8.50
CA GLU A 148 8.25 14.54 7.95
C GLU A 148 6.83 13.93 7.91
N VAL A 149 6.75 12.62 8.04
CA VAL A 149 5.46 11.93 7.87
C VAL A 149 4.63 12.07 9.14
N THR A 150 3.37 12.47 8.99
CA THR A 150 2.52 12.74 10.14
C THR A 150 1.43 11.68 10.41
N LYS A 151 1.01 11.01 9.33
CA LYS A 151 -0.16 10.11 9.39
C LYS A 151 -0.12 9.24 8.15
N ILE A 152 -0.52 7.99 8.29
CA ILE A 152 -0.62 7.13 7.13
CA ILE A 152 -0.62 7.07 7.16
C ILE A 152 -2.10 6.86 6.89
N GLN A 153 -2.49 6.88 5.62
CA GLN A 153 -3.90 6.57 5.27
C GLN A 153 -3.93 5.41 4.31
N THR A 154 -5.12 4.81 4.17
CA THR A 154 -5.37 3.81 3.11
C THR A 154 -6.87 3.86 2.77
N ASP A 155 -7.24 3.27 1.64
CA ASP A 155 -8.56 3.49 1.05
C ASP A 155 -9.10 2.16 0.46
N PRO A 156 -9.18 1.09 1.29
CA PRO A 156 -9.72 -0.16 0.72
C PRO A 156 -11.14 0.03 0.24
N SER A 157 -11.52 -0.75 -0.78
CA SER A 157 -12.89 -0.81 -1.24
C SER A 157 -13.81 -1.25 -0.08
N PRO A 158 -15.02 -0.71 0.00
CA PRO A 158 -15.97 -1.21 1.02
C PRO A 158 -16.22 -2.74 0.90
N SER A 159 -16.14 -3.27 -0.33
CA SER A 159 -16.30 -4.71 -0.60
C SER A 159 -15.13 -5.56 -0.03
N ASN A 160 -13.96 -4.93 0.16
CA ASN A 160 -12.74 -5.65 0.53
C ASN A 160 -12.51 -5.81 2.03
N LEU A 161 -13.36 -6.64 2.66
CA LEU A 161 -13.34 -6.78 4.10
C LEU A 161 -12.04 -7.39 4.60
N ARG A 162 -11.42 -8.25 3.79
CA ARG A 162 -10.17 -8.86 4.22
C ARG A 162 -9.07 -7.80 4.34
N ALA A 163 -9.00 -6.92 3.36
CA ALA A 163 -7.98 -5.81 3.39
C ALA A 163 -8.26 -4.89 4.59
N ILE A 164 -9.54 -4.56 4.80
CA ILE A 164 -9.96 -3.72 5.94
C ILE A 164 -9.51 -4.32 7.28
N ARG A 165 -9.76 -5.62 7.47
CA ARG A 165 -9.35 -6.29 8.69
C ARG A 165 -7.82 -6.37 8.82
N CYS A 166 -7.13 -6.58 7.70
CA CYS A 166 -5.66 -6.54 7.72
C CYS A 166 -5.15 -5.18 8.21
N TYR A 167 -5.69 -4.09 7.67
CA TYR A 167 -5.25 -2.75 8.08
C TYR A 167 -5.54 -2.49 9.55
N GLU A 168 -6.72 -2.94 10.01
CA GLU A 168 -7.06 -2.85 11.45
C GLU A 168 -6.05 -3.53 12.34
N LYS A 169 -5.66 -4.75 11.98
CA LYS A 169 -4.68 -5.53 12.74
C LYS A 169 -3.31 -4.85 12.74
N ALA A 170 -3.03 -4.11 11.67
CA ALA A 170 -1.79 -3.35 11.53
C ALA A 170 -1.84 -1.96 12.20
N GLY A 171 -2.94 -1.63 12.87
CA GLY A 171 -3.04 -0.40 13.66
C GLY A 171 -3.81 0.76 13.03
N PHE A 172 -4.47 0.52 11.89
CA PHE A 172 -5.30 1.52 11.25
C PHE A 172 -6.71 1.55 11.88
N GLU A 173 -7.32 2.73 11.89
CA GLU A 173 -8.70 2.89 12.34
C GLU A 173 -9.58 3.43 11.21
N ARG A 174 -10.72 2.76 11.00
CA ARG A 174 -11.75 3.23 10.07
C ARG A 174 -12.29 4.61 10.48
N GLN A 175 -12.30 5.54 9.54
CA GLN A 175 -12.83 6.88 9.73
C GLN A 175 -14.24 7.05 9.18
N GLY A 176 -14.43 6.58 7.97
CA GLY A 176 -15.74 6.66 7.30
C GLY A 176 -15.57 6.47 5.81
N THR A 177 -16.63 6.73 5.07
CA THR A 177 -16.64 6.54 3.64
C THR A 177 -16.28 7.84 2.92
N VAL A 178 -15.38 7.72 1.92
CA VAL A 178 -15.01 8.84 1.06
C VAL A 178 -15.17 8.51 -0.40
N THR A 179 -15.48 9.53 -1.19
CA THR A 179 -15.59 9.34 -2.61
C THR A 179 -14.22 9.55 -3.21
N THR A 180 -13.76 8.55 -3.97
CA THR A 180 -12.48 8.63 -4.70
C THR A 180 -12.72 8.41 -6.21
N PRO A 181 -11.72 8.70 -7.05
CA PRO A 181 -11.82 8.36 -8.47
C PRO A 181 -12.09 6.89 -8.74
N ASP A 182 -11.74 6.01 -7.79
CA ASP A 182 -11.98 4.58 -7.90
C ASP A 182 -13.24 4.15 -7.15
N GLY A 183 -14.14 5.10 -6.91
CA GLY A 183 -15.40 4.81 -6.21
C GLY A 183 -15.30 5.12 -4.72
N PRO A 184 -16.38 4.83 -3.95
CA PRO A 184 -16.33 4.99 -2.52
C PRO A 184 -15.28 4.08 -1.92
N ALA A 185 -14.64 4.54 -0.85
CA ALA A 185 -13.64 3.81 -0.14
C ALA A 185 -13.83 4.00 1.36
N VAL A 186 -13.40 3.01 2.13
CA VAL A 186 -13.40 3.11 3.58
C VAL A 186 -12.03 3.75 3.90
N TYR A 187 -12.08 5.03 4.27
CA TYR A 187 -10.88 5.80 4.62
C TYR A 187 -10.37 5.34 5.99
N MET A 188 -9.09 4.92 6.06
CA MET A 188 -8.53 4.41 7.29
C MET A 188 -7.21 5.12 7.57
N VAL A 189 -6.95 5.44 8.83
CA VAL A 189 -5.71 6.18 9.15
C VAL A 189 -4.99 5.58 10.38
N GLN A 190 -3.69 5.87 10.44
CA GLN A 190 -2.88 5.58 11.61
C GLN A 190 -1.99 6.80 11.80
N THR A 191 -2.14 7.51 12.92
CA THR A 191 -1.36 8.75 13.12
C THR A 191 -0.01 8.40 13.73
N ARG A 192 0.95 9.30 13.61
CA ARG A 192 2.23 9.12 14.27
C ARG A 192 2.07 8.93 15.78
N GLN A 193 1.21 9.72 16.42
CA GLN A 193 1.00 9.56 17.88
C GLN A 193 0.53 8.16 18.27
N ALA A 194 -0.43 7.62 17.50
CA ALA A 194 -0.90 6.24 17.68
C ALA A 194 0.22 5.21 17.58
N PHE A 195 1.07 5.35 16.56
CA PHE A 195 2.20 4.45 16.34
C PHE A 195 3.17 4.48 17.55
N GLU A 196 3.44 5.70 18.05
CA GLU A 196 4.33 5.91 19.22
C GLU A 196 3.75 5.20 20.43
N ARG A 197 2.46 5.42 20.66
CA ARG A 197 1.75 4.89 21.82
C ARG A 197 1.72 3.39 21.83
N THR A 198 1.63 2.77 20.65
CA THR A 198 1.52 1.32 20.56
C THR A 198 2.84 0.57 20.41
N ARG A 199 3.97 1.29 20.45
CA ARG A 199 5.29 0.63 20.35
C ARG A 199 5.64 -0.18 21.58
N SER A 200 5.08 0.23 22.72
CA SER A 200 5.23 -0.54 23.96
C SER A 200 4.01 -0.40 24.87
N ASP A 201 3.88 -1.39 25.76
CA ASP A 201 2.82 -1.43 26.77
C ASP A 201 3.06 -0.52 27.97
N ALA A 202 4.25 0.09 28.03
CA ALA A 202 4.53 1.17 28.98
C ALA A 202 3.76 2.44 28.65
#